data_5FDX
#
_entry.id   5FDX
#
_cell.length_a   45.548
_cell.length_b   120.340
_cell.length_c   63.020
_cell.angle_alpha   90.00
_cell.angle_beta   94.87
_cell.angle_gamma   90.00
#
_symmetry.space_group_name_H-M   'P 1 21 1'
#
loop_
_entity.id
_entity.type
_entity.pdbx_description
1 polymer 'Epithelial discoidin domain-containing receptor 1'
2 non-polymer 3-[(4-methylpiperazin-1-yl)methyl]-~{N}-[(4~{R})-4-methyl-2-pyrimidin-5-yl-3,4-dihydro-1~{H}-isoquinolin-7-yl]-5-(trifluoromethyl)benzamide
3 non-polymer 1,2-ETHANEDIOL
4 non-polymer DI(HYDROXYETHYL)ETHER
5 water water
#
_entity_poly.entity_id   1
_entity_poly.type   'polypeptide(L)'
_entity_poly.pdbx_seq_one_letter_code
;MGHHHHHHSSGVDLGTENLYFQSMPRVDFPRSRLRFKEKLGEGQFGEVHLCEVDSPQDLVSLDFPLNVRKGHPLLVAVKI
LRPDATKNARNDFLKEVKIMSRLKDPNIIRLLGVCVQDDPLCMITDYMENGDLNQFLSAHQLEDKAAEGAPGDGQAAQGP
TISYPMLLHVAAQIASGMRYLATLNFVHRDLATRNCLVGENFTIKIADFGMSRNLYAGDYYRVQGRAVLPIRWMAWECIL
MGKFTTASDVWAFGVTLWEVLMLCRAQPFGQLTDEQVIENAGEFFRDQGRQVYLSRPPACPQGLYELMLRCWSRESEQRP
PFSQLHRFLAEDALNTV
;
_entity_poly.pdbx_strand_id   A,B
#
# COMPACT_ATOMS: atom_id res chain seq x y z
N ASP A 28 38.30 24.30 -7.66
CA ASP A 28 36.98 23.87 -7.24
C ASP A 28 35.92 25.01 -7.44
N PHE A 29 34.75 24.91 -6.78
CA PHE A 29 33.64 25.89 -6.92
C PHE A 29 33.76 27.05 -5.91
N PRO A 30 33.61 28.31 -6.36
CA PRO A 30 33.68 29.43 -5.42
C PRO A 30 32.43 29.50 -4.53
N ARG A 31 32.61 29.47 -3.20
CA ARG A 31 31.52 29.57 -2.21
C ARG A 31 30.81 30.93 -2.34
N SER A 32 31.56 32.02 -2.72
CA SER A 32 31.07 33.40 -2.90
C SER A 32 29.91 33.49 -3.93
N ARG A 33 29.84 32.50 -4.84
CA ARG A 33 28.85 32.41 -5.89
C ARG A 33 27.58 31.68 -5.49
N LEU A 34 27.50 31.19 -4.24
CA LEU A 34 26.30 30.51 -3.72
C LEU A 34 25.44 31.43 -2.84
N ARG A 35 24.23 31.77 -3.33
CA ARG A 35 23.26 32.65 -2.64
C ARG A 35 22.08 31.86 -2.01
N PHE A 36 22.07 31.75 -0.66
CA PHE A 36 21.04 31.04 0.10
C PHE A 36 19.60 31.45 -0.25
N LYS A 37 18.70 30.46 -0.32
CA LYS A 37 17.29 30.67 -0.59
C LYS A 37 16.47 30.00 0.50
N GLU A 38 16.65 28.69 0.67
CA GLU A 38 15.93 27.88 1.65
C GLU A 38 16.84 26.76 2.17
N LYS A 39 16.58 26.28 3.40
CA LYS A 39 17.26 25.14 4.01
C LYS A 39 16.32 23.97 3.69
N LEU A 40 16.70 23.12 2.71
CA LEU A 40 15.87 22.00 2.27
C LEU A 40 15.80 20.86 3.31
N GLY A 41 16.68 20.90 4.29
CA GLY A 41 16.72 19.88 5.36
C GLY A 41 18.03 19.79 6.09
N GLU A 42 18.02 18.99 7.17
CA GLU A 42 19.18 18.72 8.02
C GLU A 42 19.21 17.25 8.47
N GLY A 43 20.35 16.85 9.02
CA GLY A 43 20.61 15.52 9.55
C GLY A 43 21.87 15.52 10.39
N GLN A 44 22.41 14.34 10.70
CA GLN A 44 23.67 14.29 11.45
C GLN A 44 24.82 14.43 10.44
N PHE A 45 25.81 15.24 10.83
CA PHE A 45 27.04 15.57 10.09
C PHE A 45 26.84 16.61 8.97
N GLY A 46 25.59 16.95 8.62
CA GLY A 46 25.32 17.93 7.58
C GLY A 46 23.94 18.54 7.48
N GLU A 47 23.74 19.38 6.44
CA GLU A 47 22.49 20.04 6.07
C GLU A 47 22.46 20.45 4.59
N VAL A 48 21.26 20.43 3.97
CA VAL A 48 21.04 20.74 2.57
C VAL A 48 20.46 22.15 2.38
N HIS A 49 20.98 22.87 1.38
CA HIS A 49 20.56 24.22 1.04
C HIS A 49 20.19 24.35 -0.41
N LEU A 50 19.29 25.28 -0.71
CA LEU A 50 18.85 25.63 -2.04
C LEU A 50 19.48 27.01 -2.26
N CYS A 51 20.36 27.13 -3.30
CA CYS A 51 21.10 28.36 -3.59
C CYS A 51 20.92 28.87 -5.02
N GLU A 52 21.20 30.16 -5.25
CA GLU A 52 21.11 30.83 -6.55
C GLU A 52 22.50 31.19 -7.09
N VAL A 53 22.74 30.93 -8.39
CA VAL A 53 24.01 31.23 -9.06
C VAL A 53 23.79 32.12 -10.29
N ASP A 54 24.39 33.31 -10.27
CA ASP A 54 24.25 34.28 -11.36
C ASP A 54 25.28 34.01 -12.45
N SER A 55 24.89 34.23 -13.74
CA SER A 55 25.72 34.02 -14.94
C SER A 55 26.61 32.76 -14.88
N PRO A 56 26.05 31.53 -15.00
CA PRO A 56 26.89 30.33 -14.89
C PRO A 56 27.97 30.21 -15.99
N GLN A 57 29.23 30.40 -15.57
CA GLN A 57 30.48 30.40 -16.33
C GLN A 57 31.45 29.44 -15.65
N ASP A 58 30.91 28.58 -14.77
CA ASP A 58 31.58 27.56 -13.99
C ASP A 58 31.12 26.16 -14.43
N LEU A 59 29.82 26.04 -14.78
CA LEU A 59 29.17 24.80 -15.22
C LEU A 59 29.20 24.71 -16.76
N VAL A 60 28.20 24.03 -17.39
CA VAL A 60 28.09 23.86 -18.85
C VAL A 60 26.63 23.57 -19.26
N HIS A 72 16.67 34.77 -14.18
CA HIS A 72 17.86 34.38 -14.92
C HIS A 72 18.95 33.64 -14.08
N PRO A 73 19.02 33.67 -12.71
CA PRO A 73 20.06 32.88 -12.03
C PRO A 73 19.68 31.40 -11.96
N LEU A 74 20.66 30.51 -11.96
CA LEU A 74 20.44 29.08 -11.92
C LEU A 74 20.23 28.60 -10.50
N LEU A 75 19.21 27.77 -10.30
CA LEU A 75 18.89 27.20 -9.01
C LEU A 75 19.67 25.91 -8.80
N VAL A 76 20.45 25.85 -7.69
CA VAL A 76 21.28 24.68 -7.37
C VAL A 76 20.98 24.13 -5.97
N ALA A 77 21.29 22.84 -5.78
CA ALA A 77 21.12 22.10 -4.52
C ALA A 77 22.51 21.80 -3.92
N VAL A 78 22.72 22.22 -2.65
CA VAL A 78 24.01 22.10 -1.97
C VAL A 78 23.91 21.30 -0.65
N LYS A 79 24.68 20.22 -0.56
CA LYS A 79 24.81 19.39 0.64
C LYS A 79 26.13 19.82 1.30
N ILE A 80 26.04 20.33 2.54
CA ILE A 80 27.24 20.86 3.23
C ILE A 80 27.49 20.08 4.49
N LEU A 81 28.74 19.67 4.68
CA LEU A 81 29.20 18.91 5.83
C LEU A 81 29.45 19.86 7.01
N ARG A 82 28.98 19.51 8.22
CA ARG A 82 29.14 20.31 9.44
C ARG A 82 30.61 20.42 9.89
N PRO A 83 31.08 21.59 10.40
CA PRO A 83 32.49 21.67 10.87
C PRO A 83 32.73 20.85 12.15
N ASP A 84 31.74 20.05 12.53
CA ASP A 84 31.73 19.18 13.68
C ASP A 84 31.77 17.72 13.21
N ALA A 85 31.61 17.49 11.89
CA ALA A 85 31.58 16.15 11.30
C ALA A 85 32.83 15.32 11.57
N THR A 86 32.62 14.03 11.86
CA THR A 86 33.68 13.06 12.13
C THR A 86 34.49 12.74 10.87
N LYS A 87 35.67 12.11 11.06
CA LYS A 87 36.56 11.68 9.96
C LYS A 87 35.84 10.63 9.07
N ASN A 88 34.99 9.78 9.68
CA ASN A 88 34.15 8.78 9.00
C ASN A 88 33.13 9.49 8.11
N ALA A 89 32.58 10.62 8.59
CA ALA A 89 31.66 11.45 7.83
C ALA A 89 32.42 12.13 6.65
N ARG A 90 33.65 12.67 6.90
CA ARG A 90 34.44 13.34 5.85
C ARG A 90 34.76 12.37 4.72
N ASN A 91 35.25 11.15 5.11
CA ASN A 91 35.61 10.04 4.22
C ASN A 91 34.43 9.58 3.32
N ASP A 92 33.24 9.40 3.91
CA ASP A 92 32.03 9.02 3.18
C ASP A 92 31.64 10.07 2.11
N PHE A 93 31.75 11.38 2.47
CA PHE A 93 31.47 12.52 1.59
C PHE A 93 32.38 12.48 0.33
N LEU A 94 33.73 12.35 0.50
CA LEU A 94 34.67 12.29 -0.62
C LEU A 94 34.52 11.00 -1.47
N LYS A 95 34.03 9.89 -0.89
CA LYS A 95 33.79 8.64 -1.62
C LYS A 95 32.54 8.83 -2.52
N GLU A 96 31.55 9.57 -2.02
CA GLU A 96 30.32 9.88 -2.72
C GLU A 96 30.55 10.88 -3.89
N VAL A 97 31.45 11.85 -3.70
CA VAL A 97 31.86 12.84 -4.71
C VAL A 97 32.60 12.11 -5.87
N LYS A 98 33.49 11.15 -5.51
CA LYS A 98 34.28 10.32 -6.43
C LYS A 98 33.33 9.58 -7.38
N ILE A 99 32.29 8.91 -6.82
CA ILE A 99 31.27 8.15 -7.57
C ILE A 99 30.48 9.07 -8.55
N MET A 100 29.81 10.12 -8.00
CA MET A 100 28.98 11.08 -8.75
C MET A 100 29.69 11.79 -9.91
N SER A 101 30.99 12.08 -9.78
CA SER A 101 31.77 12.79 -10.81
C SER A 101 31.77 12.12 -12.19
N ARG A 102 31.59 10.80 -12.25
CA ARG A 102 31.58 10.10 -13.54
C ARG A 102 30.19 10.02 -14.17
N LEU A 103 29.13 10.29 -13.39
CA LEU A 103 27.72 10.15 -13.80
C LEU A 103 27.22 11.34 -14.58
N LYS A 104 27.30 11.22 -15.93
CA LYS A 104 26.96 12.27 -16.89
C LYS A 104 25.95 11.80 -17.96
N ASP A 105 24.65 11.98 -17.65
CA ASP A 105 23.51 11.62 -18.49
C ASP A 105 22.27 12.50 -18.26
N PRO A 106 21.54 12.90 -19.33
CA PRO A 106 20.31 13.70 -19.14
C PRO A 106 19.29 13.17 -18.12
N ASN A 107 19.25 11.83 -17.89
CA ASN A 107 18.33 11.22 -16.93
C ASN A 107 19.01 10.72 -15.63
N ILE A 108 20.19 11.30 -15.30
CA ILE A 108 20.95 11.02 -14.07
C ILE A 108 21.34 12.39 -13.47
N ILE A 109 21.26 12.49 -12.14
CA ILE A 109 21.61 13.69 -11.36
C ILE A 109 23.08 14.14 -11.65
N ARG A 110 23.26 15.41 -12.05
CA ARG A 110 24.62 15.89 -12.34
C ARG A 110 25.27 16.55 -11.12
N LEU A 111 26.62 16.38 -11.03
CA LEU A 111 27.44 16.96 -9.99
C LEU A 111 28.07 18.15 -10.68
N LEU A 112 27.60 19.33 -10.30
CA LEU A 112 28.03 20.58 -10.89
C LEU A 112 29.37 21.02 -10.38
N GLY A 113 29.68 20.64 -9.16
CA GLY A 113 30.93 20.99 -8.50
C GLY A 113 30.95 20.66 -7.03
N VAL A 114 32.09 20.95 -6.42
CA VAL A 114 32.39 20.70 -5.01
C VAL A 114 33.22 21.86 -4.45
N CYS A 115 33.26 21.94 -3.11
CA CYS A 115 34.09 22.88 -2.37
C CYS A 115 34.88 22.08 -1.29
N VAL A 116 35.85 21.27 -1.79
CA VAL A 116 36.73 20.34 -1.03
C VAL A 116 38.03 20.96 -0.47
N GLN A 117 38.59 22.00 -1.14
CA GLN A 117 39.86 22.67 -0.78
C GLN A 117 39.88 23.25 0.65
N ASP A 118 38.74 23.76 1.12
CA ASP A 118 38.58 24.29 2.48
C ASP A 118 37.35 23.65 3.16
N ASP A 119 37.19 23.88 4.47
CA ASP A 119 36.07 23.34 5.25
C ASP A 119 35.10 24.46 5.57
N PRO A 120 33.76 24.23 5.59
CA PRO A 120 33.03 22.95 5.42
C PRO A 120 32.98 22.42 3.99
N LEU A 121 33.08 21.08 3.80
CA LEU A 121 33.01 20.45 2.47
C LEU A 121 31.57 20.52 1.95
N CYS A 122 31.40 20.71 0.61
CA CYS A 122 30.07 20.78 0.02
C CYS A 122 30.00 20.21 -1.38
N MET A 123 28.85 19.66 -1.75
CA MET A 123 28.61 19.13 -3.10
C MET A 123 27.40 19.84 -3.71
N ILE A 124 27.53 20.26 -4.98
CA ILE A 124 26.53 21.05 -5.70
C ILE A 124 25.96 20.22 -6.84
N THR A 125 24.63 19.98 -6.78
CA THR A 125 23.90 19.18 -7.79
C THR A 125 22.86 20.06 -8.48
N ASP A 126 22.14 19.50 -9.48
CA ASP A 126 21.03 20.18 -10.14
C ASP A 126 19.90 20.13 -9.13
N TYR A 127 19.05 21.16 -9.12
CA TYR A 127 17.92 21.20 -8.22
C TYR A 127 16.66 20.86 -9.01
N MET A 128 15.93 19.82 -8.55
CA MET A 128 14.68 19.35 -9.16
C MET A 128 13.50 19.88 -8.33
N GLU A 129 12.85 20.95 -8.84
CA GLU A 129 11.74 21.67 -8.20
C GLU A 129 10.55 20.84 -7.70
N ASN A 130 10.18 19.76 -8.40
CA ASN A 130 9.01 18.98 -7.99
C ASN A 130 9.30 17.80 -7.03
N GLY A 131 10.47 17.79 -6.40
CA GLY A 131 10.86 16.79 -5.42
C GLY A 131 11.00 15.39 -5.98
N ASP A 132 10.74 14.36 -5.14
CA ASP A 132 10.85 12.99 -5.61
C ASP A 132 9.55 12.51 -6.27
N LEU A 133 9.68 11.49 -7.14
CA LEU A 133 8.61 10.88 -7.92
C LEU A 133 7.48 10.34 -7.07
N ASN A 134 7.79 9.82 -5.86
CA ASN A 134 6.76 9.29 -4.96
C ASN A 134 5.83 10.38 -4.52
N GLN A 135 6.37 11.47 -3.92
CA GLN A 135 5.54 12.61 -3.48
C GLN A 135 4.80 13.24 -4.68
N PHE A 136 5.52 13.36 -5.84
CA PHE A 136 4.97 13.91 -7.08
C PHE A 136 3.76 13.10 -7.55
N LEU A 137 3.89 11.75 -7.70
CA LEU A 137 2.77 10.89 -8.11
C LEU A 137 1.65 10.82 -7.07
N SER A 138 1.99 10.67 -5.77
CA SER A 138 1.06 10.61 -4.64
C SER A 138 0.09 11.78 -4.61
N ALA A 139 0.53 12.97 -5.11
CA ALA A 139 -0.27 14.20 -5.17
C ALA A 139 -1.08 14.36 -6.48
N HIS A 140 -1.14 13.33 -7.32
CA HIS A 140 -1.81 13.43 -8.61
C HIS A 140 -2.83 12.33 -8.77
N GLN A 141 -3.84 12.59 -9.62
CA GLN A 141 -4.86 11.62 -9.96
C GLN A 141 -4.74 11.25 -11.44
N LEU A 142 -5.17 10.04 -11.83
CA LEU A 142 -5.11 9.66 -13.24
C LEU A 142 -6.24 10.33 -14.05
N GLU A 143 -5.97 10.66 -15.34
CA GLU A 143 -6.94 11.32 -16.22
C GLU A 143 -8.06 10.39 -16.65
N GLY A 159 -5.82 18.88 -6.59
CA GLY A 159 -5.21 17.67 -7.14
C GLY A 159 -5.17 17.64 -8.66
N PRO A 160 -3.98 17.92 -9.28
CA PRO A 160 -3.92 17.87 -10.76
C PRO A 160 -3.98 16.45 -11.33
N THR A 161 -4.06 16.32 -12.66
CA THR A 161 -4.13 15.01 -13.31
C THR A 161 -2.86 14.58 -14.04
N ILE A 162 -2.77 13.28 -14.32
CA ILE A 162 -1.69 12.67 -15.09
C ILE A 162 -2.29 11.67 -16.09
N SER A 163 -1.81 11.72 -17.34
CA SER A 163 -2.28 10.84 -18.40
C SER A 163 -1.43 9.55 -18.45
N TYR A 164 -2.04 8.45 -18.94
CA TYR A 164 -1.36 7.16 -19.15
C TYR A 164 -0.09 7.35 -20.06
N PRO A 165 -0.14 8.04 -21.23
CA PRO A 165 1.09 8.25 -21.99
C PRO A 165 2.16 8.97 -21.19
N MET A 166 1.77 9.93 -20.30
CA MET A 166 2.72 10.65 -19.44
C MET A 166 3.35 9.72 -18.38
N LEU A 167 2.58 8.72 -17.88
CA LEU A 167 3.10 7.75 -16.90
C LEU A 167 4.20 6.95 -17.55
N LEU A 168 3.97 6.52 -18.82
CA LEU A 168 4.93 5.74 -19.63
C LEU A 168 6.16 6.55 -19.97
N HIS A 169 5.97 7.85 -20.22
CA HIS A 169 7.06 8.75 -20.55
C HIS A 169 8.00 8.93 -19.36
N VAL A 170 7.45 8.91 -18.15
CA VAL A 170 8.21 8.98 -16.90
C VAL A 170 9.01 7.66 -16.75
N ALA A 171 8.35 6.51 -17.03
CA ALA A 171 8.98 5.18 -16.99
C ALA A 171 10.00 4.96 -18.10
N ALA A 172 9.94 5.76 -19.19
CA ALA A 172 10.88 5.68 -20.32
C ALA A 172 12.20 6.35 -19.97
N GLN A 173 12.13 7.49 -19.25
CA GLN A 173 13.30 8.23 -18.80
C GLN A 173 14.07 7.37 -17.83
N ILE A 174 13.35 6.68 -16.90
CA ILE A 174 13.97 5.76 -15.92
C ILE A 174 14.76 4.63 -16.63
N ALA A 175 14.18 3.97 -17.65
CA ALA A 175 14.90 2.89 -18.37
C ALA A 175 16.13 3.43 -19.10
N SER A 176 16.00 4.56 -19.83
CA SER A 176 17.11 5.21 -20.55
C SER A 176 18.25 5.60 -19.63
N GLY A 177 17.91 5.98 -18.40
CA GLY A 177 18.85 6.33 -17.35
C GLY A 177 19.57 5.11 -16.82
N MET A 178 18.81 4.06 -16.46
CA MET A 178 19.38 2.78 -15.98
C MET A 178 20.28 2.11 -17.03
N ARG A 179 19.93 2.29 -18.32
CA ARG A 179 20.69 1.84 -19.50
C ARG A 179 22.12 2.40 -19.42
N TYR A 180 22.25 3.73 -19.16
CA TYR A 180 23.54 4.44 -19.03
C TYR A 180 24.45 3.84 -17.96
N LEU A 181 23.94 3.70 -16.71
CA LEU A 181 24.70 3.12 -15.59
C LEU A 181 25.18 1.71 -15.90
N ALA A 182 24.40 0.96 -16.71
CA ALA A 182 24.79 -0.39 -17.12
C ALA A 182 26.00 -0.34 -18.07
N THR A 183 26.02 0.61 -19.02
CA THR A 183 27.13 0.83 -19.98
C THR A 183 28.42 1.19 -19.25
N LEU A 184 28.30 1.70 -18.00
CA LEU A 184 29.44 2.04 -17.12
C LEU A 184 29.73 0.87 -16.17
N ASN A 185 28.93 -0.22 -16.28
CA ASN A 185 29.00 -1.43 -15.44
C ASN A 185 28.84 -1.05 -13.94
N PHE A 186 27.87 -0.18 -13.70
CA PHE A 186 27.56 0.41 -12.40
C PHE A 186 26.21 -0.10 -11.94
N VAL A 187 26.19 -0.77 -10.77
CA VAL A 187 24.93 -1.31 -10.25
C VAL A 187 24.37 -0.28 -9.29
N HIS A 188 23.11 0.12 -9.47
CA HIS A 188 22.47 1.11 -8.62
C HIS A 188 22.23 0.59 -7.20
N ARG A 189 21.84 -0.66 -7.07
CA ARG A 189 21.58 -1.30 -5.78
C ARG A 189 20.32 -0.77 -5.00
N ASP A 190 19.80 0.47 -5.23
CA ASP A 190 18.61 0.94 -4.50
C ASP A 190 17.61 1.74 -5.40
N LEU A 191 17.30 1.21 -6.61
CA LEU A 191 16.34 1.88 -7.49
C LEU A 191 14.92 1.67 -6.98
N ALA A 192 14.12 2.78 -6.90
CA ALA A 192 12.71 2.92 -6.47
C ALA A 192 12.22 4.37 -6.77
N THR A 193 10.89 4.67 -6.67
CA THR A 193 10.39 6.03 -7.00
C THR A 193 10.92 7.12 -6.06
N ARG A 194 11.17 6.75 -4.78
CA ARG A 194 11.69 7.61 -3.73
C ARG A 194 13.04 8.19 -4.12
N ASN A 195 13.80 7.43 -4.95
CA ASN A 195 15.11 7.75 -5.47
C ASN A 195 15.07 8.26 -6.92
N CYS A 196 13.95 8.82 -7.32
CA CYS A 196 13.79 9.46 -8.63
C CYS A 196 13.38 10.91 -8.41
N LEU A 197 14.06 11.86 -9.03
CA LEU A 197 13.75 13.29 -8.88
C LEU A 197 12.98 13.87 -10.10
N VAL A 198 12.00 14.77 -9.84
CA VAL A 198 11.13 15.35 -10.88
C VAL A 198 11.41 16.85 -11.10
N GLY A 199 11.70 17.20 -12.36
CA GLY A 199 11.98 18.59 -12.75
C GLY A 199 10.92 19.24 -13.61
N GLU A 200 11.31 20.30 -14.35
CA GLU A 200 10.38 21.03 -15.24
C GLU A 200 9.96 20.10 -16.41
N ASN A 201 8.74 20.30 -16.94
CA ASN A 201 8.19 19.51 -18.05
C ASN A 201 8.35 17.98 -17.84
N PHE A 202 7.85 17.49 -16.68
CA PHE A 202 7.87 16.08 -16.26
C PHE A 202 9.23 15.33 -16.34
N THR A 203 10.37 16.07 -16.46
CA THR A 203 11.71 15.47 -16.54
C THR A 203 12.03 14.68 -15.29
N ILE A 204 12.61 13.46 -15.47
CA ILE A 204 13.01 12.51 -14.42
C ILE A 204 14.51 12.34 -14.51
N LYS A 205 15.20 12.47 -13.36
CA LYS A 205 16.64 12.28 -13.20
C LYS A 205 16.86 11.32 -12.03
N ILE A 206 17.46 10.14 -12.28
CA ILE A 206 17.72 9.10 -11.27
C ILE A 206 18.78 9.58 -10.24
N ALA A 207 18.43 9.52 -8.93
CA ALA A 207 19.32 9.90 -7.80
C ALA A 207 19.55 8.69 -6.83
N ASP A 208 20.01 8.96 -5.59
CA ASP A 208 20.21 7.96 -4.50
C ASP A 208 20.43 8.71 -3.20
N PHE A 209 19.46 8.66 -2.31
CA PHE A 209 19.52 9.36 -1.04
C PHE A 209 20.11 8.53 0.09
N GLY A 210 20.43 7.27 -0.19
CA GLY A 210 20.91 6.35 0.83
C GLY A 210 19.73 6.05 1.73
N MET A 211 19.96 6.00 3.04
CA MET A 211 18.89 5.79 4.02
C MET A 211 18.95 7.00 5.00
N SER A 212 18.74 8.22 4.44
CA SER A 212 18.85 9.49 5.14
C SER A 212 17.52 10.15 5.49
N ARG A 213 16.44 9.78 4.80
CA ARG A 213 15.11 10.37 5.01
C ARG A 213 14.17 9.44 5.80
N ASN A 214 13.74 9.93 7.00
CA ASN A 214 12.85 9.20 7.90
C ASN A 214 11.52 8.77 7.26
N LEU A 215 11.06 9.50 6.21
CA LEU A 215 9.81 9.25 5.47
C LEU A 215 9.74 7.83 4.88
N TYR A 216 10.88 7.33 4.41
CA TYR A 216 10.96 6.03 3.74
C TYR A 216 11.57 4.92 4.59
N ALA A 217 11.68 5.12 5.92
CA ALA A 217 12.23 4.14 6.86
C ALA A 217 11.57 2.75 6.74
N GLY A 218 10.26 2.74 6.45
CA GLY A 218 9.48 1.53 6.23
C GLY A 218 9.86 0.73 5.00
N ASP A 219 10.50 1.38 3.99
CA ASP A 219 10.93 0.73 2.74
C ASP A 219 12.18 -0.11 2.95
N TYR A 220 12.82 0.05 4.11
CA TYR A 220 14.08 -0.60 4.48
C TYR A 220 13.92 -1.60 5.63
N TYR A 221 14.53 -2.78 5.44
CA TYR A 221 14.52 -3.84 6.41
C TYR A 221 15.93 -4.18 6.88
N ARG A 222 16.12 -4.14 8.20
CA ARG A 222 17.33 -4.50 8.91
C ARG A 222 16.88 -5.56 9.90
N VAL A 223 17.57 -6.72 10.03
CA VAL A 223 18.85 -7.17 9.47
C VAL A 223 20.02 -6.29 10.08
N GLN A 224 19.78 -5.75 11.30
CA GLN A 224 20.70 -5.05 12.20
C GLN A 224 21.55 -3.86 11.52
N GLY A 225 22.90 -3.75 11.65
CA GLY A 225 23.86 -4.65 12.28
C GLY A 225 24.59 -5.51 11.26
N ARG A 226 23.82 -6.08 10.30
CA ARG A 226 24.30 -6.87 9.17
C ARG A 226 24.20 -5.92 7.96
N ALA A 227 22.97 -5.68 7.43
CA ALA A 227 22.72 -4.74 6.30
C ALA A 227 21.26 -4.29 6.17
N VAL A 228 21.03 -2.94 6.21
CA VAL A 228 19.69 -2.31 6.04
C VAL A 228 19.36 -2.35 4.51
N LEU A 229 18.35 -3.15 4.13
CA LEU A 229 18.03 -3.42 2.73
C LEU A 229 16.60 -3.16 2.29
N PRO A 230 16.42 -2.66 1.04
CA PRO A 230 15.05 -2.46 0.52
C PRO A 230 14.54 -3.73 -0.20
N ILE A 231 14.33 -4.81 0.60
CA ILE A 231 13.91 -6.17 0.21
C ILE A 231 12.71 -6.22 -0.75
N ARG A 232 11.75 -5.28 -0.60
CA ARG A 232 10.53 -5.25 -1.41
C ARG A 232 10.82 -4.91 -2.88
N TRP A 233 12.01 -4.37 -3.17
CA TRP A 233 12.43 -3.99 -4.53
C TRP A 233 13.51 -4.94 -5.07
N MET A 234 14.12 -5.70 -4.15
CA MET A 234 15.19 -6.66 -4.43
C MET A 234 14.67 -7.96 -5.03
N ALA A 235 15.41 -8.47 -6.01
CA ALA A 235 15.21 -9.76 -6.68
C ALA A 235 15.46 -10.88 -5.66
N TRP A 236 15.09 -12.13 -5.98
CA TRP A 236 15.29 -13.21 -5.03
C TRP A 236 16.78 -13.46 -4.69
N GLU A 237 17.69 -13.40 -5.69
CA GLU A 237 19.13 -13.66 -5.51
C GLU A 237 19.83 -12.66 -4.60
N CYS A 238 19.34 -11.38 -4.55
CA CYS A 238 19.82 -10.25 -3.72
C CYS A 238 19.58 -10.59 -2.25
N ILE A 239 18.40 -11.16 -1.94
CA ILE A 239 17.94 -11.56 -0.60
C ILE A 239 18.67 -12.81 -0.10
N LEU A 240 18.59 -13.89 -0.88
CA LEU A 240 19.21 -15.15 -0.50
C LEU A 240 20.74 -15.17 -0.55
N MET A 241 21.35 -14.49 -1.54
CA MET A 241 22.80 -14.53 -1.67
C MET A 241 23.51 -13.21 -1.48
N GLY A 242 22.91 -12.13 -1.93
CA GLY A 242 23.56 -10.82 -1.89
C GLY A 242 24.28 -10.55 -3.18
N LYS A 243 23.72 -11.13 -4.28
CA LYS A 243 24.19 -11.04 -5.67
C LYS A 243 23.46 -9.91 -6.41
N PHE A 244 23.99 -8.68 -6.26
CA PHE A 244 23.49 -7.47 -6.92
C PHE A 244 24.24 -7.35 -8.23
N THR A 245 23.51 -7.16 -9.33
CA THR A 245 23.94 -7.10 -10.73
C THR A 245 23.06 -6.09 -11.50
N THR A 246 23.21 -6.01 -12.85
CA THR A 246 22.34 -5.17 -13.69
C THR A 246 21.00 -5.91 -13.80
N ALA A 247 21.05 -7.25 -13.89
CA ALA A 247 19.89 -8.14 -13.97
C ALA A 247 18.95 -8.00 -12.74
N SER A 248 19.50 -7.68 -11.55
CA SER A 248 18.70 -7.46 -10.35
C SER A 248 18.14 -6.03 -10.36
N ASP A 249 18.83 -5.08 -11.06
CA ASP A 249 18.33 -3.70 -11.22
C ASP A 249 17.06 -3.72 -12.07
N VAL A 250 17.00 -4.64 -13.05
CA VAL A 250 15.84 -4.83 -13.92
C VAL A 250 14.61 -5.25 -13.05
N TRP A 251 14.83 -6.14 -12.05
CA TRP A 251 13.78 -6.58 -11.13
C TRP A 251 13.24 -5.36 -10.36
N ALA A 252 14.15 -4.50 -9.81
CA ALA A 252 13.85 -3.25 -9.10
C ALA A 252 13.09 -2.29 -10.02
N PHE A 253 13.50 -2.21 -11.31
CA PHE A 253 12.84 -1.38 -12.33
C PHE A 253 11.41 -1.85 -12.50
N GLY A 254 11.21 -3.17 -12.56
CA GLY A 254 9.89 -3.79 -12.65
C GLY A 254 8.97 -3.30 -11.55
N VAL A 255 9.42 -3.45 -10.27
CA VAL A 255 8.72 -2.99 -9.07
C VAL A 255 8.48 -1.46 -9.11
N THR A 256 9.47 -0.67 -9.58
CA THR A 256 9.37 0.80 -9.75
C THR A 256 8.23 1.16 -10.75
N LEU A 257 8.14 0.45 -11.90
CA LEU A 257 7.07 0.63 -12.91
C LEU A 257 5.71 0.23 -12.33
N TRP A 258 5.66 -0.78 -11.41
CA TRP A 258 4.44 -1.14 -10.70
C TRP A 258 4.01 0.05 -9.83
N GLU A 259 4.96 0.65 -9.07
CA GLU A 259 4.73 1.85 -8.23
C GLU A 259 4.09 3.01 -9.01
N VAL A 260 4.63 3.29 -10.21
CA VAL A 260 4.23 4.35 -11.14
C VAL A 260 2.83 4.09 -11.61
N LEU A 261 2.51 2.83 -11.98
CA LEU A 261 1.17 2.49 -12.43
C LEU A 261 0.14 2.44 -11.29
N MET A 262 0.61 2.36 -10.03
CA MET A 262 -0.24 2.42 -8.84
C MET A 262 -0.40 3.91 -8.46
N LEU A 263 0.44 4.79 -9.06
CA LEU A 263 0.51 6.22 -8.79
C LEU A 263 0.99 6.48 -7.36
N CYS A 264 1.95 5.61 -6.91
CA CYS A 264 2.61 5.62 -5.59
C CYS A 264 1.60 5.60 -4.44
N ARG A 265 0.49 4.85 -4.61
CA ARG A 265 -0.63 4.74 -3.69
C ARG A 265 -0.48 3.65 -2.67
N ALA A 266 0.31 2.62 -3.00
CA ALA A 266 0.55 1.49 -2.11
C ALA A 266 1.98 1.03 -2.14
N GLN A 267 2.43 0.44 -1.01
CA GLN A 267 3.78 -0.10 -0.89
C GLN A 267 3.78 -1.53 -1.49
N PRO A 268 4.80 -1.93 -2.29
CA PRO A 268 4.83 -3.30 -2.83
C PRO A 268 4.66 -4.37 -1.74
N PHE A 269 3.74 -5.35 -1.96
CA PHE A 269 3.38 -6.42 -1.00
C PHE A 269 2.94 -5.84 0.35
N GLY A 270 2.26 -4.71 0.31
CA GLY A 270 1.77 -3.93 1.44
C GLY A 270 1.01 -4.67 2.53
N GLN A 271 0.44 -5.85 2.20
CA GLN A 271 -0.33 -6.68 3.14
C GLN A 271 0.55 -7.74 3.80
N LEU A 272 1.75 -8.00 3.21
CA LEU A 272 2.70 -9.01 3.71
C LEU A 272 3.79 -8.42 4.57
N THR A 273 4.22 -9.20 5.59
CA THR A 273 5.30 -8.79 6.49
C THR A 273 6.61 -8.92 5.80
N ASP A 274 7.60 -8.18 6.31
CA ASP A 274 8.98 -8.19 5.83
C ASP A 274 9.53 -9.64 5.83
N GLU A 275 9.23 -10.42 6.89
CA GLU A 275 9.61 -11.84 6.97
C GLU A 275 8.93 -12.66 5.88
N GLN A 276 7.67 -12.35 5.53
CA GLN A 276 6.89 -13.07 4.51
C GLN A 276 7.48 -12.83 3.12
N VAL A 277 8.00 -11.61 2.88
CA VAL A 277 8.68 -11.26 1.62
C VAL A 277 10.01 -12.04 1.50
N ILE A 278 10.77 -12.20 2.62
CA ILE A 278 12.02 -12.95 2.67
C ILE A 278 11.68 -14.42 2.34
N GLU A 279 10.58 -14.94 2.93
CA GLU A 279 10.02 -16.28 2.69
C GLU A 279 9.78 -16.46 1.18
N ASN A 280 9.24 -15.41 0.52
CA ASN A 280 8.88 -15.41 -0.90
C ASN A 280 10.11 -15.52 -1.81
N ALA A 281 11.26 -14.98 -1.40
CA ALA A 281 12.52 -15.10 -2.16
C ALA A 281 12.92 -16.59 -2.20
N GLY A 282 12.71 -17.27 -1.06
CA GLY A 282 12.94 -18.70 -0.86
C GLY A 282 12.11 -19.54 -1.80
N GLU A 283 10.85 -19.15 -2.03
CA GLU A 283 9.95 -19.83 -2.95
C GLU A 283 10.36 -19.68 -4.43
N PHE A 284 11.03 -18.57 -4.81
CA PHE A 284 11.53 -18.37 -6.17
C PHE A 284 12.71 -19.33 -6.41
N PHE A 285 13.56 -19.52 -5.39
CA PHE A 285 14.70 -20.42 -5.46
C PHE A 285 14.19 -21.86 -5.47
N ARG A 286 13.13 -22.14 -4.69
CA ARG A 286 12.48 -23.46 -4.56
C ARG A 286 11.79 -23.89 -5.87
N ASP A 287 11.23 -22.93 -6.62
CA ASP A 287 10.53 -23.11 -7.90
C ASP A 287 9.54 -24.30 -7.89
N GLN A 288 8.60 -24.29 -6.93
CA GLN A 288 7.57 -25.35 -6.82
C GLN A 288 6.15 -24.79 -7.05
N GLY A 289 6.05 -23.50 -7.38
CA GLY A 289 4.78 -22.83 -7.65
C GLY A 289 4.10 -22.16 -6.48
N ARG A 290 4.84 -21.93 -5.39
CA ARG A 290 4.33 -21.25 -4.21
C ARG A 290 4.74 -19.77 -4.22
N GLN A 291 5.63 -19.39 -5.17
CA GLN A 291 6.10 -18.01 -5.35
C GLN A 291 4.93 -17.12 -5.76
N VAL A 292 4.90 -15.87 -5.24
CA VAL A 292 3.84 -14.92 -5.53
C VAL A 292 4.41 -13.66 -6.19
N TYR A 293 3.52 -12.84 -6.80
CA TYR A 293 3.89 -11.63 -7.54
C TYR A 293 2.99 -10.48 -7.18
N LEU A 294 3.48 -9.27 -7.48
CA LEU A 294 2.73 -8.06 -7.32
C LEU A 294 1.56 -8.12 -8.31
N SER A 295 0.35 -7.77 -7.84
CA SER A 295 -0.86 -7.81 -8.64
C SER A 295 -0.90 -6.72 -9.69
N ARG A 296 -1.74 -6.90 -10.71
CA ARG A 296 -1.92 -5.94 -11.77
C ARG A 296 -2.54 -4.62 -11.23
N PRO A 297 -1.87 -3.46 -11.44
CA PRO A 297 -2.47 -2.18 -11.03
C PRO A 297 -3.74 -1.91 -11.85
N PRO A 298 -4.81 -1.31 -11.29
CA PRO A 298 -6.05 -1.11 -12.07
C PRO A 298 -5.92 -0.45 -13.45
N ALA A 299 -5.12 0.62 -13.54
CA ALA A 299 -4.84 1.37 -14.76
C ALA A 299 -3.69 0.76 -15.62
N CYS A 300 -3.49 -0.56 -15.57
CA CYS A 300 -2.44 -1.24 -16.32
C CYS A 300 -2.98 -2.30 -17.30
N PRO A 301 -2.75 -2.17 -18.63
CA PRO A 301 -3.19 -3.23 -19.55
C PRO A 301 -2.38 -4.51 -19.32
N GLN A 302 -2.95 -5.71 -19.59
CA GLN A 302 -2.27 -6.99 -19.41
C GLN A 302 -0.90 -7.00 -20.12
N GLY A 303 -0.85 -6.27 -21.25
CA GLY A 303 0.36 -6.08 -22.07
C GLY A 303 1.54 -5.60 -21.25
N LEU A 304 1.45 -4.35 -20.75
CA LEU A 304 2.45 -3.68 -19.89
C LEU A 304 2.72 -4.46 -18.59
N TYR A 305 1.70 -5.24 -18.11
CA TYR A 305 1.80 -6.07 -16.90
C TYR A 305 2.71 -7.27 -17.12
N GLU A 306 2.63 -7.88 -18.33
CA GLU A 306 3.47 -9.01 -18.72
C GLU A 306 4.93 -8.62 -18.83
N LEU A 307 5.20 -7.31 -19.04
CA LEU A 307 6.54 -6.73 -19.11
C LEU A 307 7.15 -6.77 -17.69
N MET A 308 6.40 -6.25 -16.70
CA MET A 308 6.75 -6.28 -15.26
C MET A 308 7.07 -7.73 -14.87
N LEU A 309 6.24 -8.69 -15.30
CA LEU A 309 6.39 -10.12 -15.04
C LEU A 309 7.72 -10.64 -15.59
N ARG A 310 8.17 -10.12 -16.75
CA ARG A 310 9.45 -10.54 -17.34
C ARG A 310 10.62 -10.01 -16.54
N CYS A 311 10.46 -8.84 -15.88
CA CYS A 311 11.50 -8.28 -14.99
C CYS A 311 11.62 -9.22 -13.76
N TRP A 312 10.62 -10.10 -13.54
CA TRP A 312 10.52 -10.99 -12.39
C TRP A 312 10.75 -12.46 -12.72
N SER A 313 11.50 -12.73 -13.82
CA SER A 313 11.93 -14.06 -14.24
C SER A 313 12.93 -14.57 -13.20
N ARG A 314 12.81 -15.84 -12.77
CA ARG A 314 13.70 -16.48 -11.80
C ARG A 314 15.15 -16.42 -12.32
N GLU A 315 15.35 -16.68 -13.64
CA GLU A 315 16.67 -16.62 -14.28
C GLU A 315 16.98 -15.20 -14.73
N SER A 316 18.10 -14.65 -14.26
CA SER A 316 18.53 -13.30 -14.63
C SER A 316 18.81 -13.13 -16.15
N GLU A 317 19.09 -14.23 -16.85
CA GLU A 317 19.36 -14.26 -18.29
C GLU A 317 18.08 -14.01 -19.07
N GLN A 318 16.92 -14.45 -18.54
CA GLN A 318 15.58 -14.30 -19.13
C GLN A 318 15.01 -12.87 -18.96
N ARG A 319 15.50 -12.11 -17.94
CA ARG A 319 15.05 -10.74 -17.68
C ARG A 319 15.49 -9.84 -18.85
N PRO A 320 14.63 -8.91 -19.33
CA PRO A 320 15.04 -8.08 -20.48
C PRO A 320 15.93 -6.90 -20.09
N PRO A 321 16.93 -6.53 -20.93
CA PRO A 321 17.79 -5.39 -20.57
C PRO A 321 17.07 -4.04 -20.69
N PHE A 322 17.70 -2.97 -20.21
CA PHE A 322 17.12 -1.64 -20.22
C PHE A 322 16.89 -1.06 -21.61
N SER A 323 17.78 -1.38 -22.57
CA SER A 323 17.68 -0.97 -23.97
C SER A 323 16.33 -1.45 -24.54
N GLN A 324 15.98 -2.71 -24.21
CA GLN A 324 14.74 -3.38 -24.60
C GLN A 324 13.55 -2.82 -23.81
N LEU A 325 13.75 -2.56 -22.50
CA LEU A 325 12.69 -2.01 -21.64
C LEU A 325 12.31 -0.57 -22.04
N HIS A 326 13.28 0.24 -22.51
CA HIS A 326 13.05 1.61 -22.96
C HIS A 326 12.24 1.59 -24.25
N ARG A 327 12.71 0.82 -25.24
CA ARG A 327 12.10 0.67 -26.56
C ARG A 327 10.63 0.23 -26.48
N PHE A 328 10.30 -0.70 -25.55
CA PHE A 328 8.92 -1.17 -25.37
C PHE A 328 8.05 -0.10 -24.75
N LEU A 329 8.57 0.59 -23.69
CA LEU A 329 7.88 1.69 -23.01
C LEU A 329 7.70 2.90 -23.92
N ALA A 330 8.53 3.02 -24.99
CA ALA A 330 8.46 4.11 -25.96
C ALA A 330 7.56 3.80 -27.15
N GLU A 331 7.41 2.50 -27.51
CA GLU A 331 6.60 2.07 -28.65
C GLU A 331 5.23 1.52 -28.29
N ASP A 332 5.13 0.53 -27.38
CA ASP A 332 3.83 -0.07 -27.04
C ASP A 332 3.11 0.56 -25.82
N ALA A 333 1.86 1.01 -26.06
CA ALA A 333 0.94 1.67 -25.14
C ALA A 333 -0.50 1.26 -25.46
N PHE B 29 -3.47 -30.65 4.21
CA PHE B 29 -4.79 -31.13 4.59
C PHE B 29 -5.40 -32.02 3.47
N PRO B 30 -5.60 -33.34 3.71
CA PRO B 30 -6.16 -34.20 2.65
C PRO B 30 -7.65 -33.99 2.35
N ARG B 31 -8.00 -33.90 1.03
CA ARG B 31 -9.36 -33.69 0.50
C ARG B 31 -10.36 -34.84 0.81
N SER B 32 -9.86 -36.00 1.25
CA SER B 32 -10.68 -37.16 1.61
C SER B 32 -11.38 -36.94 2.97
N ARG B 33 -10.78 -36.08 3.83
CA ARG B 33 -11.28 -35.74 5.17
C ARG B 33 -12.48 -34.80 5.10
N LEU B 34 -12.61 -34.06 3.99
CA LEU B 34 -13.72 -33.14 3.75
C LEU B 34 -14.80 -33.85 2.91
N ARG B 35 -16.03 -33.98 3.46
CA ARG B 35 -17.14 -34.61 2.75
C ARG B 35 -18.17 -33.54 2.37
N PHE B 36 -18.38 -33.35 1.05
CA PHE B 36 -19.31 -32.36 0.49
C PHE B 36 -20.72 -32.48 1.07
N LYS B 37 -21.29 -31.36 1.54
CA LYS B 37 -22.63 -31.32 2.12
C LYS B 37 -23.58 -30.34 1.41
N GLU B 38 -23.06 -29.17 0.97
CA GLU B 38 -23.85 -28.13 0.29
C GLU B 38 -22.93 -27.18 -0.48
N LYS B 39 -23.43 -26.57 -1.57
CA LYS B 39 -22.67 -25.59 -2.35
C LYS B 39 -23.09 -24.19 -1.92
N LEU B 40 -22.25 -23.55 -1.07
CA LEU B 40 -22.49 -22.23 -0.51
C LEU B 40 -22.50 -21.11 -1.54
N GLY B 41 -21.62 -21.20 -2.54
CA GLY B 41 -21.52 -20.18 -3.59
C GLY B 41 -20.72 -20.60 -4.80
N GLU B 42 -20.74 -19.77 -5.88
CA GLU B 42 -20.02 -20.02 -7.14
C GLU B 42 -19.61 -18.73 -7.86
N GLY B 43 -18.47 -18.79 -8.54
CA GLY B 43 -17.87 -17.67 -9.27
C GLY B 43 -17.11 -18.04 -10.54
N GLN B 44 -16.55 -17.00 -11.22
CA GLN B 44 -15.80 -17.12 -12.48
C GLN B 44 -14.50 -17.91 -12.32
N PHE B 45 -13.87 -17.83 -11.14
CA PHE B 45 -12.59 -18.49 -10.88
C PHE B 45 -12.66 -19.66 -9.88
N GLY B 46 -13.74 -19.74 -9.11
CA GLY B 46 -13.94 -20.81 -8.15
C GLY B 46 -15.38 -21.03 -7.70
N GLU B 47 -15.53 -21.55 -6.47
CA GLU B 47 -16.80 -21.84 -5.77
C GLU B 47 -16.57 -22.26 -4.30
N VAL B 48 -17.59 -22.08 -3.43
CA VAL B 48 -17.51 -22.40 -2.00
C VAL B 48 -18.46 -23.54 -1.61
N HIS B 49 -17.94 -24.55 -0.88
CA HIS B 49 -18.72 -25.71 -0.40
C HIS B 49 -18.63 -25.95 1.11
N LEU B 50 -19.73 -26.45 1.70
CA LEU B 50 -19.88 -26.81 3.11
C LEU B 50 -19.46 -28.27 3.27
N CYS B 51 -18.53 -28.53 4.19
CA CYS B 51 -17.98 -29.86 4.39
C CYS B 51 -17.98 -30.30 5.85
N GLU B 52 -18.00 -31.63 6.07
CA GLU B 52 -17.98 -32.24 7.39
C GLU B 52 -16.61 -32.91 7.62
N VAL B 53 -16.00 -32.63 8.79
CA VAL B 53 -14.69 -33.16 9.16
C VAL B 53 -14.77 -34.04 10.42
N ASP B 54 -14.82 -35.38 10.22
CA ASP B 54 -14.86 -36.37 11.32
C ASP B 54 -13.48 -36.40 11.99
N SER B 55 -13.45 -36.29 13.34
CA SER B 55 -12.23 -36.22 14.19
C SER B 55 -11.59 -34.77 14.19
N PRO B 56 -10.57 -34.41 15.02
CA PRO B 56 -9.79 -35.21 15.99
C PRO B 56 -10.59 -35.69 17.20
N LEU B 74 -17.58 -29.66 13.34
CA LEU B 74 -17.19 -30.44 12.17
C LEU B 74 -17.40 -29.67 10.86
N LEU B 75 -18.22 -28.60 10.88
CA LEU B 75 -18.51 -27.84 9.68
C LEU B 75 -17.44 -26.80 9.34
N VAL B 76 -16.93 -26.90 8.09
CA VAL B 76 -15.90 -26.04 7.50
C VAL B 76 -16.38 -25.43 6.18
N ALA B 77 -15.86 -24.23 5.85
CA ALA B 77 -16.15 -23.54 4.60
C ALA B 77 -14.92 -23.72 3.73
N VAL B 78 -15.11 -24.28 2.52
CA VAL B 78 -14.01 -24.54 1.59
C VAL B 78 -14.16 -23.71 0.30
N LYS B 79 -13.12 -22.96 -0.07
CA LYS B 79 -13.06 -22.18 -1.30
C LYS B 79 -12.09 -22.95 -2.18
N ILE B 80 -12.48 -23.19 -3.45
CA ILE B 80 -11.71 -24.01 -4.39
C ILE B 80 -11.60 -23.33 -5.76
N LEU B 81 -10.40 -23.28 -6.32
CA LEU B 81 -10.12 -22.66 -7.61
C LEU B 81 -10.37 -23.63 -8.76
N ARG B 82 -11.12 -23.16 -9.79
CA ARG B 82 -11.46 -23.87 -11.02
C ARG B 82 -10.17 -24.21 -11.83
N PRO B 83 -10.06 -25.39 -12.50
CA PRO B 83 -8.80 -25.68 -13.24
C PRO B 83 -8.53 -24.77 -14.44
N ASP B 84 -9.58 -24.24 -15.07
CA ASP B 84 -9.47 -23.34 -16.22
C ASP B 84 -9.19 -21.87 -15.79
N ALA B 85 -8.81 -21.66 -14.51
CA ALA B 85 -8.57 -20.34 -13.94
C ALA B 85 -7.32 -19.68 -14.52
N THR B 86 -7.30 -18.31 -14.50
CA THR B 86 -6.17 -17.52 -14.96
C THR B 86 -5.04 -17.65 -13.95
N LYS B 87 -3.79 -17.41 -14.39
CA LYS B 87 -2.63 -17.42 -13.51
C LYS B 87 -2.74 -16.18 -12.62
N ASN B 88 -3.34 -15.09 -13.16
CA ASN B 88 -3.62 -13.82 -12.48
C ASN B 88 -4.57 -14.01 -11.27
N ALA B 89 -5.45 -15.03 -11.32
CA ALA B 89 -6.39 -15.38 -10.26
C ALA B 89 -5.74 -16.38 -9.27
N ARG B 90 -4.86 -17.27 -9.77
CA ARG B 90 -4.09 -18.25 -8.98
C ARG B 90 -3.16 -17.53 -7.99
N ASN B 91 -2.55 -16.41 -8.42
CA ASN B 91 -1.64 -15.56 -7.63
C ASN B 91 -2.36 -14.88 -6.47
N ASP B 92 -3.64 -14.52 -6.66
CA ASP B 92 -4.50 -13.91 -5.66
C ASP B 92 -4.87 -14.91 -4.55
N PHE B 93 -5.17 -16.18 -4.91
CA PHE B 93 -5.47 -17.27 -3.99
C PHE B 93 -4.36 -17.45 -2.93
N LEU B 94 -3.10 -17.65 -3.39
CA LEU B 94 -1.89 -17.85 -2.59
C LEU B 94 -1.55 -16.64 -1.71
N LYS B 95 -1.62 -15.44 -2.30
CA LYS B 95 -1.61 -14.18 -1.55
C LYS B 95 -2.68 -14.13 -0.45
N GLU B 96 -3.96 -14.46 -0.76
CA GLU B 96 -5.08 -14.51 0.20
C GLU B 96 -4.77 -15.48 1.35
N VAL B 97 -4.27 -16.70 0.99
CA VAL B 97 -3.87 -17.76 1.92
C VAL B 97 -2.72 -17.25 2.84
N LYS B 98 -1.70 -16.61 2.23
CA LYS B 98 -0.56 -16.03 2.95
C LYS B 98 -1.00 -14.98 3.97
N ILE B 99 -2.01 -14.14 3.60
CA ILE B 99 -2.49 -13.08 4.50
C ILE B 99 -3.21 -13.71 5.71
N MET B 100 -4.18 -14.61 5.46
CA MET B 100 -4.98 -15.32 6.46
C MET B 100 -4.20 -16.26 7.41
N SER B 101 -2.98 -16.68 7.01
CA SER B 101 -2.16 -17.59 7.82
C SER B 101 -1.63 -16.97 9.14
N ARG B 102 -1.47 -15.64 9.20
CA ARG B 102 -0.98 -14.99 10.41
C ARG B 102 -2.12 -14.44 11.31
N LEU B 103 -3.40 -14.68 10.92
CA LEU B 103 -4.56 -14.16 11.64
C LEU B 103 -5.17 -15.19 12.60
N LYS B 104 -4.80 -15.07 13.89
CA LYS B 104 -5.23 -15.99 14.94
C LYS B 104 -5.79 -15.23 16.16
N ASP B 105 -7.10 -14.93 16.13
CA ASP B 105 -7.83 -14.22 17.20
C ASP B 105 -9.29 -14.75 17.28
N PRO B 106 -9.94 -14.76 18.48
CA PRO B 106 -11.33 -15.26 18.57
C PRO B 106 -12.38 -14.53 17.73
N ASN B 107 -12.22 -13.21 17.55
CA ASN B 107 -13.18 -12.43 16.79
C ASN B 107 -12.71 -12.10 15.34
N ILE B 108 -11.83 -12.98 14.78
CA ILE B 108 -11.32 -12.92 13.41
C ILE B 108 -11.58 -14.28 12.79
N ILE B 109 -11.72 -14.33 11.45
CA ILE B 109 -11.92 -15.54 10.65
C ILE B 109 -10.62 -16.36 10.73
N ARG B 110 -10.72 -17.65 10.97
CA ARG B 110 -9.53 -18.48 11.10
C ARG B 110 -9.45 -19.48 9.97
N LEU B 111 -8.26 -19.56 9.34
CA LEU B 111 -7.95 -20.49 8.27
C LEU B 111 -7.40 -21.71 8.96
N LEU B 112 -8.08 -22.85 8.77
CA LEU B 112 -7.77 -24.12 9.42
C LEU B 112 -6.79 -24.99 8.63
N GLY B 113 -6.98 -25.03 7.31
CA GLY B 113 -6.14 -25.80 6.41
C GLY B 113 -6.11 -25.25 5.01
N VAL B 114 -5.20 -25.79 4.18
CA VAL B 114 -4.98 -25.40 2.78
C VAL B 114 -4.51 -26.60 1.97
N CYS B 115 -4.75 -26.56 0.65
CA CYS B 115 -4.30 -27.59 -0.29
C CYS B 115 -3.54 -26.88 -1.43
N VAL B 116 -2.32 -26.37 -1.12
CA VAL B 116 -1.47 -25.61 -2.05
C VAL B 116 -0.28 -26.44 -2.61
N GLN B 117 -0.19 -27.72 -2.20
CA GLN B 117 0.87 -28.64 -2.66
C GLN B 117 0.63 -29.09 -4.11
N ASP B 118 -0.65 -29.32 -4.50
CA ASP B 118 -1.05 -29.72 -5.86
C ASP B 118 -2.24 -28.88 -6.36
N ASP B 119 -2.92 -29.33 -7.43
CA ASP B 119 -4.08 -28.67 -8.02
C ASP B 119 -5.32 -29.62 -7.96
N PRO B 120 -6.58 -29.13 -7.80
CA PRO B 120 -7.01 -27.71 -7.68
C PRO B 120 -6.68 -27.11 -6.32
N LEU B 121 -6.49 -25.78 -6.27
CA LEU B 121 -6.16 -25.11 -5.01
C LEU B 121 -7.39 -24.91 -4.16
N CYS B 122 -7.23 -25.10 -2.85
CA CYS B 122 -8.29 -24.92 -1.87
C CYS B 122 -7.78 -24.33 -0.55
N MET B 123 -8.71 -23.72 0.20
CA MET B 123 -8.49 -23.12 1.52
C MET B 123 -9.70 -23.44 2.40
N ILE B 124 -9.44 -23.82 3.66
CA ILE B 124 -10.47 -24.20 4.62
C ILE B 124 -10.53 -23.17 5.76
N THR B 125 -11.76 -22.69 6.05
CA THR B 125 -12.05 -21.70 7.08
C THR B 125 -13.15 -22.22 8.04
N ASP B 126 -13.51 -21.40 9.06
CA ASP B 126 -14.58 -21.72 10.01
C ASP B 126 -15.89 -21.50 9.27
N TYR B 127 -16.94 -22.23 9.65
CA TYR B 127 -18.25 -22.01 9.06
C TYR B 127 -19.09 -21.19 10.05
N MET B 128 -19.68 -20.08 9.56
CA MET B 128 -20.51 -19.16 10.32
C MET B 128 -21.95 -19.31 9.85
N GLU B 129 -22.73 -20.10 10.61
CA GLU B 129 -24.12 -20.51 10.36
C GLU B 129 -25.17 -19.39 10.17
N ASN B 130 -24.92 -18.17 10.64
CA ASN B 130 -25.94 -17.11 10.51
C ASN B 130 -25.64 -16.09 9.39
N GLY B 131 -24.56 -16.33 8.65
CA GLY B 131 -24.13 -15.46 7.55
C GLY B 131 -23.59 -14.13 8.01
N ASP B 132 -23.60 -13.12 7.11
CA ASP B 132 -23.05 -11.81 7.46
C ASP B 132 -24.00 -11.01 8.36
N LEU B 133 -23.42 -10.08 9.13
CA LEU B 133 -24.14 -9.23 10.08
C LEU B 133 -25.18 -8.36 9.41
N ASN B 134 -24.97 -7.97 8.13
CA ASN B 134 -25.96 -7.18 7.39
C ASN B 134 -27.24 -8.00 7.23
N GLN B 135 -27.15 -9.25 6.74
CA GLN B 135 -28.27 -10.18 6.58
C GLN B 135 -28.84 -10.57 7.95
N PHE B 136 -27.97 -10.80 8.95
CA PHE B 136 -28.39 -11.19 10.28
C PHE B 136 -29.30 -10.16 10.94
N LEU B 137 -28.76 -8.95 11.22
CA LEU B 137 -29.51 -7.87 11.86
C LEU B 137 -30.79 -7.45 11.11
N SER B 138 -30.79 -7.45 9.74
CA SER B 138 -31.95 -7.10 8.88
C SER B 138 -33.18 -7.98 9.17
N ALA B 139 -32.97 -9.21 9.64
CA ALA B 139 -34.05 -10.12 9.98
C ALA B 139 -34.67 -9.79 11.36
N HIS B 140 -33.91 -9.11 12.21
CA HIS B 140 -34.30 -8.79 13.57
C HIS B 140 -34.91 -7.42 13.75
N GLN B 141 -35.70 -7.29 14.82
CA GLN B 141 -36.37 -6.07 15.23
C GLN B 141 -35.99 -5.84 16.69
N LEU B 142 -35.99 -4.58 17.13
CA LEU B 142 -35.59 -4.25 18.49
C LEU B 142 -36.61 -4.68 19.56
N GLU B 143 -36.09 -5.22 20.67
CA GLU B 143 -36.83 -5.67 21.84
C GLU B 143 -37.52 -4.47 22.50
N ASP B 144 -38.83 -4.59 22.66
CA ASP B 144 -39.64 -3.55 23.27
C ASP B 144 -40.32 -4.13 24.50
N LYS B 145 -39.64 -4.07 25.66
CA LYS B 145 -40.17 -4.55 26.94
C LYS B 145 -41.29 -3.63 27.48
N ALA B 146 -41.70 -2.61 26.70
CA ALA B 146 -42.78 -1.66 27.01
C ALA B 146 -43.90 -1.80 26.00
N GLY B 159 -41.80 -13.34 15.31
CA GLY B 159 -40.77 -12.43 14.83
C GLY B 159 -39.52 -12.45 15.68
N PRO B 160 -38.31 -12.59 15.05
CA PRO B 160 -37.05 -12.61 15.82
C PRO B 160 -36.66 -11.23 16.33
N THR B 161 -36.27 -11.12 17.61
CA THR B 161 -35.90 -9.84 18.22
C THR B 161 -34.49 -9.78 18.82
N ILE B 162 -33.92 -8.56 18.84
CA ILE B 162 -32.61 -8.29 19.43
C ILE B 162 -32.73 -7.12 20.43
N SER B 163 -31.95 -7.17 21.53
CA SER B 163 -31.97 -6.13 22.57
C SER B 163 -30.76 -5.20 22.48
N TYR B 164 -30.91 -3.93 22.93
CA TYR B 164 -29.82 -2.94 22.96
C TYR B 164 -28.48 -3.50 23.57
N PRO B 165 -28.46 -4.25 24.72
CA PRO B 165 -27.16 -4.78 25.20
C PRO B 165 -26.50 -5.77 24.24
N MET B 166 -27.31 -6.53 23.45
CA MET B 166 -26.78 -7.50 22.49
C MET B 166 -26.06 -6.83 21.31
N LEU B 167 -26.59 -5.68 20.84
CA LEU B 167 -25.99 -4.86 19.77
C LEU B 167 -24.64 -4.32 20.25
N LEU B 168 -24.60 -3.91 21.54
CA LEU B 168 -23.41 -3.38 22.20
C LEU B 168 -22.37 -4.45 22.44
N HIS B 169 -22.80 -5.73 22.64
CA HIS B 169 -21.90 -6.88 22.81
C HIS B 169 -21.24 -7.18 21.45
N VAL B 170 -22.07 -7.27 20.39
CA VAL B 170 -21.69 -7.45 18.98
C VAL B 170 -20.68 -6.33 18.62
N ALA B 171 -21.04 -5.07 18.89
CA ALA B 171 -20.19 -3.91 18.62
C ALA B 171 -18.83 -3.97 19.33
N ALA B 172 -18.82 -4.46 20.59
CA ALA B 172 -17.58 -4.61 21.38
C ALA B 172 -16.67 -5.71 20.76
N GLN B 173 -17.29 -6.85 20.31
CA GLN B 173 -16.62 -7.97 19.65
C GLN B 173 -15.86 -7.49 18.40
N ILE B 174 -16.55 -6.66 17.56
CA ILE B 174 -15.99 -6.03 16.35
C ILE B 174 -14.79 -5.15 16.74
N ALA B 175 -14.89 -4.42 17.89
CA ALA B 175 -13.78 -3.58 18.38
C ALA B 175 -12.60 -4.42 18.95
N SER B 176 -12.87 -5.61 19.55
CA SER B 176 -11.77 -6.45 20.03
C SER B 176 -11.06 -7.17 18.90
N GLY B 177 -11.76 -7.30 17.77
CA GLY B 177 -11.23 -7.89 16.56
C GLY B 177 -10.28 -6.93 15.87
N MET B 178 -10.73 -5.68 15.70
CA MET B 178 -9.99 -4.57 15.10
C MET B 178 -8.79 -4.20 15.92
N ARG B 179 -8.86 -4.40 17.25
CA ARG B 179 -7.76 -4.12 18.17
C ARG B 179 -6.59 -5.09 17.89
N TYR B 180 -6.89 -6.37 17.55
CA TYR B 180 -5.87 -7.39 17.21
C TYR B 180 -5.16 -7.01 15.91
N LEU B 181 -5.92 -6.67 14.86
CA LEU B 181 -5.38 -6.29 13.56
C LEU B 181 -4.50 -5.07 13.68
N ALA B 182 -4.81 -4.19 14.65
CA ALA B 182 -4.05 -2.98 14.95
C ALA B 182 -2.71 -3.34 15.58
N THR B 183 -2.67 -4.34 16.50
CA THR B 183 -1.40 -4.78 17.12
C THR B 183 -0.47 -5.38 16.08
N LEU B 184 -1.04 -5.91 14.98
CA LEU B 184 -0.28 -6.52 13.87
C LEU B 184 0.15 -5.46 12.85
N ASN B 185 -0.34 -4.20 13.03
CA ASN B 185 -0.11 -3.04 12.15
C ASN B 185 -0.66 -3.35 10.76
N PHE B 186 -1.81 -4.07 10.77
CA PHE B 186 -2.59 -4.54 9.65
C PHE B 186 -3.85 -3.72 9.52
N VAL B 187 -4.03 -3.14 8.33
CA VAL B 187 -5.17 -2.30 7.95
C VAL B 187 -6.15 -3.19 7.18
N HIS B 188 -7.40 -3.26 7.66
CA HIS B 188 -8.46 -4.05 7.03
C HIS B 188 -8.87 -3.43 5.69
N ARG B 189 -9.11 -2.09 5.65
CA ARG B 189 -9.47 -1.28 4.46
C ARG B 189 -10.94 -1.40 3.97
N ASP B 190 -11.74 -2.33 4.57
CA ASP B 190 -13.14 -2.55 4.21
C ASP B 190 -14.00 -3.07 5.38
N LEU B 191 -13.87 -2.46 6.56
CA LEU B 191 -14.73 -2.84 7.66
C LEU B 191 -16.11 -2.23 7.42
N ALA B 192 -17.14 -3.09 7.54
CA ALA B 192 -18.57 -2.86 7.36
C ALA B 192 -19.29 -4.18 7.81
N THR B 193 -20.62 -4.11 8.12
CA THR B 193 -21.41 -5.26 8.58
C THR B 193 -21.49 -6.37 7.55
N ARG B 194 -21.34 -6.04 6.24
CA ARG B 194 -21.38 -7.05 5.17
C ARG B 194 -20.15 -7.99 5.25
N ASN B 195 -19.00 -7.47 5.71
CA ASN B 195 -17.74 -8.19 5.89
C ASN B 195 -17.61 -8.81 7.32
N CYS B 196 -18.70 -8.76 8.13
CA CYS B 196 -18.71 -9.35 9.48
C CYS B 196 -19.53 -10.61 9.49
N LEU B 197 -19.04 -11.68 10.12
CA LEU B 197 -19.77 -12.96 10.14
C LEU B 197 -20.34 -13.33 11.51
N VAL B 198 -21.55 -13.95 11.53
CA VAL B 198 -22.28 -14.36 12.73
C VAL B 198 -22.35 -15.90 12.91
N GLY B 199 -21.94 -16.38 14.08
CA GLY B 199 -21.97 -17.79 14.44
C GLY B 199 -22.97 -18.03 15.55
N GLU B 200 -22.79 -19.09 16.37
CA GLU B 200 -23.71 -19.36 17.48
C GLU B 200 -23.47 -18.42 18.69
N ASN B 201 -24.44 -18.35 19.63
CA ASN B 201 -24.40 -17.55 20.87
C ASN B 201 -23.99 -16.06 20.64
N PHE B 202 -24.27 -15.55 19.42
CA PHE B 202 -23.99 -14.19 18.93
C PHE B 202 -22.46 -13.93 18.77
N THR B 203 -21.67 -14.98 18.40
CA THR B 203 -20.22 -14.84 18.14
C THR B 203 -20.03 -14.09 16.82
N ILE B 204 -19.12 -13.08 16.84
CA ILE B 204 -18.82 -12.22 15.68
C ILE B 204 -17.35 -12.37 15.26
N LYS B 205 -17.14 -12.82 14.02
CA LYS B 205 -15.81 -12.94 13.44
C LYS B 205 -15.68 -12.00 12.23
N ILE B 206 -14.72 -11.03 12.29
CA ILE B 206 -14.44 -10.07 11.20
C ILE B 206 -13.92 -10.88 10.03
N ALA B 207 -14.28 -10.49 8.82
CA ALA B 207 -13.88 -11.18 7.60
C ALA B 207 -13.67 -10.15 6.48
N ASP B 208 -13.33 -10.63 5.27
CA ASP B 208 -13.14 -9.84 4.06
C ASP B 208 -13.49 -10.74 2.87
N PHE B 209 -14.58 -10.38 2.22
CA PHE B 209 -15.17 -11.10 1.09
C PHE B 209 -14.74 -10.49 -0.24
N GLY B 210 -13.90 -9.47 -0.16
CA GLY B 210 -13.50 -8.72 -1.34
C GLY B 210 -14.69 -7.92 -1.82
N MET B 211 -14.76 -7.68 -3.12
CA MET B 211 -15.89 -6.95 -3.71
C MET B 211 -16.37 -7.93 -4.78
N SER B 212 -16.87 -9.10 -4.33
CA SER B 212 -17.30 -10.21 -5.17
C SER B 212 -18.81 -10.40 -5.26
N ARG B 213 -19.50 -10.27 -4.10
CA ARG B 213 -20.95 -10.47 -3.97
C ARG B 213 -21.77 -9.41 -4.68
N ASN B 214 -22.69 -9.84 -5.57
CA ASN B 214 -23.57 -8.95 -6.34
C ASN B 214 -24.57 -8.23 -5.46
N LEU B 215 -24.86 -8.81 -4.27
CA LEU B 215 -25.75 -8.23 -3.27
C LEU B 215 -25.27 -6.87 -2.74
N TYR B 216 -23.94 -6.62 -2.74
CA TYR B 216 -23.39 -5.37 -2.18
C TYR B 216 -22.66 -4.45 -3.17
N ALA B 217 -23.00 -4.57 -4.46
CA ALA B 217 -22.42 -3.74 -5.51
C ALA B 217 -22.69 -2.25 -5.26
N GLY B 218 -23.90 -1.93 -4.76
CA GLY B 218 -24.34 -0.57 -4.46
C GLY B 218 -23.53 0.20 -3.42
N ASP B 219 -22.77 -0.55 -2.60
CA ASP B 219 -21.94 -0.08 -1.50
C ASP B 219 -20.53 0.35 -1.93
N TYR B 220 -20.16 -0.02 -3.16
CA TYR B 220 -18.86 0.26 -3.75
C TYR B 220 -18.99 1.15 -4.98
N TYR B 221 -18.03 2.06 -5.12
CA TYR B 221 -17.99 3.03 -6.19
C TYR B 221 -17.00 2.59 -7.30
N ARG B 222 -17.56 2.12 -8.44
CA ARG B 222 -16.81 1.70 -9.62
C ARG B 222 -16.36 2.94 -10.36
N VAL B 223 -15.10 2.98 -10.79
CA VAL B 223 -14.52 4.12 -11.49
C VAL B 223 -13.49 3.59 -12.52
N GLN B 224 -13.78 3.78 -13.83
CA GLN B 224 -13.05 3.27 -15.01
C GLN B 224 -11.53 3.46 -14.96
N GLY B 225 -10.83 2.31 -14.99
CA GLY B 225 -9.37 2.23 -14.93
C GLY B 225 -8.83 2.56 -13.55
N ARG B 226 -9.65 2.37 -12.50
CA ARG B 226 -9.27 2.70 -11.13
C ARG B 226 -9.78 1.64 -10.13
N ALA B 227 -9.36 1.81 -8.85
CA ALA B 227 -9.74 0.97 -7.72
C ALA B 227 -11.23 1.14 -7.33
N VAL B 228 -11.89 0.02 -6.96
CA VAL B 228 -13.29 -0.04 -6.50
C VAL B 228 -13.27 0.38 -5.01
N LEU B 229 -14.00 1.45 -4.69
CA LEU B 229 -13.94 2.02 -3.34
C LEU B 229 -15.26 2.09 -2.58
N PRO B 230 -15.28 1.65 -1.30
CA PRO B 230 -16.51 1.76 -0.49
C PRO B 230 -16.53 3.13 0.23
N ILE B 231 -16.63 4.20 -0.58
CA ILE B 231 -16.58 5.64 -0.24
C ILE B 231 -17.50 6.08 0.91
N ARG B 232 -18.57 5.33 1.22
CA ARG B 232 -19.50 5.65 2.31
C ARG B 232 -19.00 5.19 3.68
N TRP B 233 -17.96 4.34 3.76
CA TRP B 233 -17.34 3.89 5.04
C TRP B 233 -15.95 4.51 5.23
N MET B 234 -15.41 5.08 4.13
CA MET B 234 -14.10 5.70 4.02
C MET B 234 -13.98 7.08 4.65
N ALA B 235 -12.82 7.35 5.32
CA ALA B 235 -12.46 8.65 5.92
C ALA B 235 -12.10 9.61 4.79
N TRP B 236 -12.24 10.94 5.02
CA TRP B 236 -12.00 11.96 3.98
C TRP B 236 -10.63 11.87 3.32
N GLU B 237 -9.58 11.53 4.10
CA GLU B 237 -8.19 11.36 3.63
C GLU B 237 -8.04 10.19 2.68
N CYS B 238 -8.88 9.13 2.86
CA CYS B 238 -8.93 7.92 2.05
C CYS B 238 -9.53 8.28 0.71
N ILE B 239 -10.58 9.13 0.72
CA ILE B 239 -11.30 9.59 -0.47
C ILE B 239 -10.42 10.54 -1.32
N LEU B 240 -9.78 11.53 -0.67
CA LEU B 240 -8.95 12.49 -1.38
C LEU B 240 -7.55 11.98 -1.77
N MET B 241 -6.74 11.53 -0.79
CA MET B 241 -5.35 11.11 -1.00
C MET B 241 -5.08 9.60 -1.04
N GLY B 242 -6.06 8.79 -0.64
CA GLY B 242 -5.91 7.34 -0.60
C GLY B 242 -5.08 6.84 0.55
N LYS B 243 -5.05 7.61 1.67
CA LYS B 243 -4.28 7.31 2.88
C LYS B 243 -5.05 6.36 3.82
N PHE B 244 -4.84 5.03 3.67
CA PHE B 244 -5.50 3.99 4.48
C PHE B 244 -4.61 3.57 5.65
N THR B 245 -5.04 3.87 6.88
CA THR B 245 -4.32 3.61 8.13
C THR B 245 -5.30 3.02 9.17
N THR B 246 -4.81 2.72 10.39
CA THR B 246 -5.64 2.23 11.49
C THR B 246 -6.71 3.29 11.84
N ALA B 247 -6.39 4.58 11.63
CA ALA B 247 -7.31 5.71 11.84
C ALA B 247 -8.49 5.71 10.86
N SER B 248 -8.27 5.30 9.59
CA SER B 248 -9.35 5.14 8.61
C SER B 248 -10.25 3.93 9.05
N ASP B 249 -9.64 2.84 9.61
CA ASP B 249 -10.35 1.68 10.15
C ASP B 249 -11.21 2.15 11.36
N VAL B 250 -10.74 3.16 12.13
CA VAL B 250 -11.49 3.75 13.25
C VAL B 250 -12.72 4.49 12.67
N TRP B 251 -12.52 5.21 11.55
CA TRP B 251 -13.62 5.91 10.87
C TRP B 251 -14.66 4.92 10.36
N ALA B 252 -14.22 3.88 9.61
CA ALA B 252 -15.09 2.81 9.09
C ALA B 252 -15.87 2.13 10.22
N PHE B 253 -15.19 1.85 11.36
CA PHE B 253 -15.82 1.26 12.53
C PHE B 253 -17.05 2.07 12.98
N GLY B 254 -16.91 3.39 13.02
CA GLY B 254 -18.01 4.27 13.40
C GLY B 254 -19.19 4.18 12.45
N VAL B 255 -18.91 3.95 11.16
CA VAL B 255 -19.95 3.83 10.14
C VAL B 255 -20.66 2.48 10.34
N THR B 256 -19.88 1.41 10.66
CA THR B 256 -20.32 0.04 10.98
C THR B 256 -21.24 0.08 12.21
N LEU B 257 -20.74 0.64 13.34
CA LEU B 257 -21.50 0.82 14.60
C LEU B 257 -22.85 1.47 14.31
N TRP B 258 -22.89 2.50 13.44
CA TRP B 258 -24.12 3.18 13.04
C TRP B 258 -25.11 2.21 12.38
N GLU B 259 -24.61 1.29 11.53
CA GLU B 259 -25.45 0.28 10.86
C GLU B 259 -26.15 -0.60 11.92
N VAL B 260 -25.36 -1.16 12.86
CA VAL B 260 -25.79 -2.04 13.95
C VAL B 260 -26.96 -1.40 14.71
N LEU B 261 -26.77 -0.14 15.11
CA LEU B 261 -27.73 0.66 15.86
C LEU B 261 -29.00 1.03 15.05
N MET B 262 -28.93 0.88 13.71
CA MET B 262 -30.01 1.09 12.73
C MET B 262 -30.55 -0.27 12.25
N LEU B 263 -29.98 -1.38 12.77
CA LEU B 263 -30.35 -2.77 12.44
C LEU B 263 -30.32 -3.05 10.93
N CYS B 264 -29.29 -2.50 10.24
CA CYS B 264 -28.99 -2.60 8.80
C CYS B 264 -30.19 -2.29 7.90
N ARG B 265 -30.97 -1.28 8.31
CA ARG B 265 -32.16 -0.85 7.60
C ARG B 265 -31.85 0.20 6.52
N ALA B 266 -30.92 1.14 6.78
CA ALA B 266 -30.55 2.16 5.80
C ALA B 266 -29.09 2.11 5.42
N GLN B 267 -28.78 2.55 4.18
CA GLN B 267 -27.41 2.65 3.68
C GLN B 267 -26.81 3.97 4.23
N PRO B 268 -25.53 4.01 4.69
CA PRO B 268 -24.96 5.27 5.19
C PRO B 268 -25.03 6.34 4.11
N PHE B 269 -25.62 7.52 4.43
CA PHE B 269 -25.86 8.65 3.52
C PHE B 269 -26.82 8.30 2.38
N GLY B 270 -27.73 7.36 2.66
CA GLY B 270 -28.73 6.83 1.74
C GLY B 270 -29.35 7.83 0.79
N GLN B 271 -29.68 9.04 1.29
CA GLN B 271 -30.30 10.13 0.54
C GLN B 271 -29.36 10.89 -0.39
N LEU B 272 -28.05 10.90 -0.06
CA LEU B 272 -27.01 11.60 -0.83
C LEU B 272 -26.39 10.73 -1.95
N THR B 273 -26.09 11.34 -3.11
CA THR B 273 -25.42 10.62 -4.21
C THR B 273 -23.93 10.45 -3.90
N ASP B 274 -23.25 9.57 -4.67
CA ASP B 274 -21.82 9.26 -4.57
C ASP B 274 -20.93 10.53 -4.69
N GLU B 275 -21.27 11.41 -5.65
CA GLU B 275 -20.61 12.70 -5.90
C GLU B 275 -20.78 13.61 -4.67
N GLN B 276 -21.99 13.59 -4.03
CA GLN B 276 -22.28 14.36 -2.82
C GLN B 276 -21.45 13.82 -1.63
N VAL B 277 -21.21 12.49 -1.60
CA VAL B 277 -20.40 11.82 -0.58
C VAL B 277 -18.92 12.28 -0.67
N ILE B 278 -18.33 12.29 -1.91
CA ILE B 278 -16.95 12.75 -2.17
C ILE B 278 -16.83 14.28 -1.94
N GLU B 279 -17.89 15.05 -2.27
CA GLU B 279 -17.97 16.50 -2.03
C GLU B 279 -17.83 16.77 -0.52
N ASN B 280 -18.51 15.96 0.33
CA ASN B 280 -18.47 16.07 1.78
C ASN B 280 -17.08 15.80 2.35
N ALA B 281 -16.31 14.91 1.70
CA ALA B 281 -14.93 14.62 2.09
C ALA B 281 -14.06 15.86 1.87
N GLY B 282 -14.40 16.63 0.82
CA GLY B 282 -13.75 17.87 0.45
C GLY B 282 -14.09 19.01 1.38
N GLU B 283 -15.25 18.92 2.07
CA GLU B 283 -15.73 19.88 3.05
C GLU B 283 -15.12 19.62 4.43
N PHE B 284 -14.61 18.38 4.66
CA PHE B 284 -13.89 18.01 5.87
C PHE B 284 -12.51 18.61 5.74
N PHE B 285 -11.92 18.54 4.51
CA PHE B 285 -10.62 19.11 4.16
C PHE B 285 -10.65 20.63 4.25
N ARG B 286 -11.62 21.27 3.57
CA ARG B 286 -11.83 22.73 3.58
C ARG B 286 -12.10 23.25 5.01
N ASP B 287 -12.67 22.39 5.90
CA ASP B 287 -12.96 22.65 7.32
C ASP B 287 -13.64 24.02 7.57
N GLN B 288 -14.52 24.43 6.65
CA GLN B 288 -15.26 25.68 6.68
C GLN B 288 -16.56 25.58 7.51
N GLY B 289 -16.85 24.38 8.02
CA GLY B 289 -18.04 24.13 8.82
C GLY B 289 -19.27 23.69 8.06
N ARG B 290 -19.06 23.21 6.82
CA ARG B 290 -20.15 22.76 5.94
C ARG B 290 -20.24 21.23 5.80
N GLN B 291 -19.33 20.48 6.46
CA GLN B 291 -19.31 19.01 6.46
C GLN B 291 -20.51 18.42 7.21
N VAL B 292 -21.06 17.31 6.72
CA VAL B 292 -22.23 16.72 7.34
C VAL B 292 -21.91 15.29 7.79
N TYR B 293 -22.59 14.86 8.87
CA TYR B 293 -22.40 13.57 9.52
C TYR B 293 -23.68 12.73 9.49
N LEU B 294 -23.55 11.41 9.65
CA LEU B 294 -24.71 10.53 9.72
C LEU B 294 -25.51 11.01 10.92
N SER B 295 -26.81 10.94 10.83
CA SER B 295 -27.63 11.39 11.93
C SER B 295 -27.86 10.26 12.93
N ARG B 296 -28.03 10.64 14.21
CA ARG B 296 -28.24 9.72 15.33
C ARG B 296 -29.36 8.72 15.09
N PRO B 297 -29.06 7.39 15.15
CA PRO B 297 -30.14 6.39 15.04
C PRO B 297 -31.20 6.55 16.15
N PRO B 298 -32.51 6.26 15.91
CA PRO B 298 -33.52 6.46 16.98
C PRO B 298 -33.27 5.69 18.27
N ALA B 299 -32.66 4.50 18.15
CA ALA B 299 -32.29 3.62 19.26
C ALA B 299 -30.81 3.84 19.56
N CYS B 300 -30.47 5.10 19.90
CA CYS B 300 -29.09 5.47 20.19
C CYS B 300 -28.99 6.63 21.16
N PRO B 301 -28.51 6.40 22.40
CA PRO B 301 -28.31 7.55 23.33
C PRO B 301 -27.29 8.56 22.78
N GLN B 302 -27.36 9.82 23.23
CA GLN B 302 -26.44 10.86 22.76
C GLN B 302 -24.95 10.48 23.00
N GLY B 303 -24.67 9.93 24.19
CA GLY B 303 -23.33 9.49 24.58
C GLY B 303 -22.67 8.55 23.59
N LEU B 304 -23.38 7.49 23.16
CA LEU B 304 -22.84 6.53 22.17
C LEU B 304 -22.74 7.15 20.75
N TYR B 305 -23.60 8.16 20.44
CA TYR B 305 -23.57 8.88 19.16
C TYR B 305 -22.39 9.86 19.15
N GLU B 306 -22.00 10.36 20.35
CA GLU B 306 -20.84 11.23 20.55
C GLU B 306 -19.60 10.40 20.32
N LEU B 307 -19.62 9.12 20.76
CA LEU B 307 -18.51 8.19 20.53
C LEU B 307 -18.34 8.01 19.01
N MET B 308 -19.48 7.85 18.29
CA MET B 308 -19.52 7.72 16.83
C MET B 308 -18.89 8.93 16.15
N LEU B 309 -19.18 10.14 16.65
CA LEU B 309 -18.63 11.37 16.09
C LEU B 309 -17.12 11.47 16.32
N ARG B 310 -16.60 10.95 17.47
CA ARG B 310 -15.16 10.92 17.80
C ARG B 310 -14.38 10.10 16.78
N CYS B 311 -15.02 9.06 16.19
CA CYS B 311 -14.48 8.21 15.13
C CYS B 311 -14.41 9.01 13.79
N TRP B 312 -15.17 10.12 13.69
CA TRP B 312 -15.21 10.96 12.49
C TRP B 312 -14.57 12.35 12.69
N SER B 313 -13.50 12.41 13.50
CA SER B 313 -12.72 13.62 13.73
C SER B 313 -11.92 13.85 12.45
N ARG B 314 -11.72 15.13 12.07
CA ARG B 314 -10.94 15.47 10.88
C ARG B 314 -9.52 14.90 11.05
N GLU B 315 -8.82 15.24 12.15
CA GLU B 315 -7.45 14.78 12.46
C GLU B 315 -7.48 13.37 13.01
N SER B 316 -6.69 12.48 12.41
CA SER B 316 -6.61 11.04 12.73
C SER B 316 -6.16 10.69 14.15
N GLU B 317 -5.41 11.59 14.83
CA GLU B 317 -4.94 11.39 16.19
C GLU B 317 -6.08 11.62 17.20
N GLN B 318 -7.11 12.43 16.80
CA GLN B 318 -8.26 12.79 17.61
C GLN B 318 -9.40 11.74 17.57
N ARG B 319 -9.11 10.56 16.97
CA ARG B 319 -10.02 9.41 16.88
C ARG B 319 -9.55 8.39 17.92
N PRO B 320 -10.44 7.86 18.79
CA PRO B 320 -10.00 6.92 19.84
C PRO B 320 -9.41 5.61 19.30
N PRO B 321 -8.49 4.94 20.04
CA PRO B 321 -7.98 3.63 19.57
C PRO B 321 -9.03 2.53 19.77
N PHE B 322 -8.75 1.31 19.27
CA PHE B 322 -9.72 0.23 19.41
C PHE B 322 -9.82 -0.32 20.83
N SER B 323 -8.72 -0.24 21.64
CA SER B 323 -8.70 -0.61 23.07
C SER B 323 -9.77 0.21 23.83
N GLN B 324 -9.83 1.56 23.55
CA GLN B 324 -10.78 2.52 24.10
C GLN B 324 -12.19 2.18 23.67
N LEU B 325 -12.44 2.03 22.34
CA LEU B 325 -13.76 1.67 21.77
C LEU B 325 -14.25 0.34 22.35
N HIS B 326 -13.32 -0.64 22.57
CA HIS B 326 -13.69 -1.93 23.15
C HIS B 326 -14.14 -1.75 24.61
N ARG B 327 -13.27 -1.16 25.46
CA ARG B 327 -13.59 -0.91 26.86
C ARG B 327 -14.88 -0.09 27.02
N PHE B 328 -15.05 0.98 26.21
CA PHE B 328 -16.25 1.81 26.23
C PHE B 328 -17.49 0.98 25.93
N LEU B 329 -17.45 0.17 24.84
CA LEU B 329 -18.59 -0.66 24.43
C LEU B 329 -18.87 -1.83 25.35
N ALA B 330 -17.84 -2.35 26.05
CA ALA B 330 -17.98 -3.47 27.00
C ALA B 330 -18.44 -3.02 28.42
N GLU B 331 -18.51 -1.70 28.66
CA GLU B 331 -18.92 -1.12 29.93
C GLU B 331 -20.15 -0.22 29.76
#